data_4PEO
#
_entry.id   4PEO
#
_cell.length_a   67.205
_cell.length_b   67.205
_cell.length_c   127.310
_cell.angle_alpha   90.00
_cell.angle_beta   90.00
_cell.angle_gamma   120.00
#
_symmetry.space_group_name_H-M   'H 3'
#
loop_
_entity.id
_entity.type
_entity.pdbx_description
1 polymer 'Hypothetical protein'
2 water water
#
_entity_poly.entity_id   1
_entity_poly.type   'polypeptide(L)'
_entity_poly.pdbx_seq_one_letter_code
;MITVDITVNDEGKVTDVIMDGHADHGEYGHDIVCAGASAVLFGSVNAIIGLTSERPDINYDDNGGHFHIRSVDTNNDEAQ
LILQTMLVSLQTIEEEYNENIRLNYK
;
_entity_poly.pdbx_strand_id   A,B
#
# COMPACT_ATOMS: atom_id res chain seq x y z
N MET A 1 -0.89 16.20 12.71
CA MET A 1 -1.30 15.50 13.93
C MET A 1 -0.69 14.09 14.01
N ILE A 2 -0.35 13.51 12.84
CA ILE A 2 0.25 12.17 12.77
C ILE A 2 1.73 12.28 12.41
N THR A 3 2.58 11.53 13.13
CA THR A 3 4.01 11.49 12.88
CA THR A 3 4.00 11.51 12.87
C THR A 3 4.39 10.08 12.49
N VAL A 4 5.25 9.93 11.47
CA VAL A 4 5.72 8.61 11.05
C VAL A 4 7.25 8.64 11.04
N ASP A 5 7.89 7.88 11.94
CA ASP A 5 9.35 7.79 12.00
C ASP A 5 9.79 6.54 11.28
N ILE A 6 10.70 6.72 10.30
CA ILE A 6 11.19 5.62 9.47
C ILE A 6 12.67 5.43 9.69
N THR A 7 13.05 4.21 10.02
CA THR A 7 14.45 3.87 10.23
C THR A 7 14.89 2.95 9.12
N VAL A 8 15.90 3.40 8.36
CA VAL A 8 16.53 2.67 7.26
C VAL A 8 17.96 2.40 7.71
N ASN A 9 18.38 1.12 7.71
CA ASN A 9 19.73 0.79 8.17
C ASN A 9 20.79 1.10 7.09
N ASP A 10 22.06 0.83 7.42
CA ASP A 10 23.21 1.08 6.51
C ASP A 10 23.14 0.26 5.24
N GLU A 11 22.41 -0.88 5.28
CA GLU A 11 22.24 -1.75 4.11
C GLU A 11 21.02 -1.36 3.25
N GLY A 12 20.37 -0.26 3.62
CA GLY A 12 19.22 0.29 2.89
C GLY A 12 17.91 -0.42 3.17
N LYS A 13 17.85 -1.16 4.28
CA LYS A 13 16.65 -1.92 4.66
C LYS A 13 15.80 -1.14 5.65
N VAL A 14 14.47 -1.16 5.47
CA VAL A 14 13.54 -0.48 6.39
C VAL A 14 13.44 -1.40 7.62
N THR A 15 13.93 -0.94 8.77
CA THR A 15 13.92 -1.75 10.00
C THR A 15 12.76 -1.39 10.91
N ASP A 16 12.36 -0.12 10.91
CA ASP A 16 11.30 0.32 11.81
C ASP A 16 10.45 1.38 11.18
N VAL A 17 9.14 1.27 11.41
CA VAL A 17 8.14 2.28 11.00
C VAL A 17 7.31 2.54 12.23
N ILE A 18 7.32 3.80 12.75
CA ILE A 18 6.62 4.10 14.00
C ILE A 18 5.66 5.23 13.76
N MET A 19 4.36 4.96 13.87
CA MET A 19 3.32 5.97 13.69
C MET A 19 2.77 6.36 15.07
N ASP A 20 2.61 7.66 15.34
CA ASP A 20 2.00 8.17 16.57
C ASP A 20 0.98 9.22 16.18
N GLY A 21 -0.18 9.16 16.82
CA GLY A 21 -1.26 10.11 16.55
C GLY A 21 -2.04 10.48 17.79
N ALA A 35 -7.44 8.64 8.20
CA ALA A 35 -8.02 7.47 7.56
C ALA A 35 -7.07 6.89 6.51
N GLY A 36 -6.48 7.75 5.69
CA GLY A 36 -5.54 7.33 4.65
C GLY A 36 -4.29 6.67 5.20
N ALA A 37 -3.61 7.37 6.13
CA ALA A 37 -2.37 6.89 6.76
C ALA A 37 -2.55 5.51 7.45
N SER A 38 -3.66 5.36 8.22
CA SER A 38 -3.99 4.12 8.92
C SER A 38 -4.26 2.97 7.95
N ALA A 39 -5.05 3.22 6.88
CA ALA A 39 -5.37 2.19 5.87
C ALA A 39 -4.11 1.68 5.19
N VAL A 40 -3.17 2.59 4.88
CA VAL A 40 -1.90 2.24 4.22
C VAL A 40 -1.06 1.39 5.18
N LEU A 41 -0.95 1.81 6.45
CA LEU A 41 -0.17 1.08 7.43
C LEU A 41 -0.71 -0.30 7.74
N PHE A 42 -1.98 -0.40 8.14
CA PHE A 42 -2.59 -1.70 8.47
C PHE A 42 -2.69 -2.63 7.27
N GLY A 43 -3.01 -2.07 6.10
CA GLY A 43 -3.09 -2.83 4.87
C GLY A 43 -1.74 -3.43 4.50
N SER A 44 -0.67 -2.64 4.67
CA SER A 44 0.69 -3.11 4.36
C SER A 44 1.12 -4.22 5.29
N VAL A 45 0.80 -4.12 6.60
CA VAL A 45 1.12 -5.17 7.57
C VAL A 45 0.39 -6.45 7.17
N ASN A 46 -0.91 -6.38 6.82
CA ASN A 46 -1.66 -7.55 6.37
C ASN A 46 -1.05 -8.16 5.12
N ALA A 47 -0.52 -7.32 4.21
CA ALA A 47 0.11 -7.81 2.97
C ALA A 47 1.43 -8.54 3.29
N ILE A 48 2.24 -7.97 4.21
CA ILE A 48 3.51 -8.64 4.56
C ILE A 48 3.20 -10.05 5.12
N ILE A 49 2.25 -10.13 6.06
CA ILE A 49 1.86 -11.38 6.72
C ILE A 49 1.21 -12.38 5.75
N GLY A 50 0.32 -11.88 4.88
CA GLY A 50 -0.40 -12.72 3.93
C GLY A 50 0.35 -13.12 2.67
N LEU A 51 1.29 -12.29 2.20
CA LEU A 51 1.99 -12.52 0.94
C LEU A 51 3.44 -12.98 1.03
N THR A 52 4.06 -12.84 2.21
CA THR A 52 5.48 -13.17 2.43
C THR A 52 5.66 -14.08 3.64
N SER A 53 6.91 -14.55 3.84
CA SER A 53 7.29 -15.38 4.99
C SER A 53 7.71 -14.50 6.19
N GLU A 54 7.80 -13.18 6.00
CA GLU A 54 8.19 -12.27 7.07
C GLU A 54 7.08 -12.09 8.10
N ARG A 55 7.45 -12.13 9.39
CA ARG A 55 6.52 -11.92 10.51
C ARG A 55 7.08 -10.80 11.37
N PRO A 56 6.72 -9.55 11.04
CA PRO A 56 7.29 -8.41 11.78
C PRO A 56 6.88 -8.39 13.23
N ASP A 57 7.69 -7.72 14.06
N ASP A 57 7.68 -7.71 14.08
CA ASP A 57 7.31 -7.49 15.45
CA ASP A 57 7.39 -7.51 15.50
C ASP A 57 6.43 -6.26 15.37
C ASP A 57 6.55 -6.23 15.59
N ILE A 58 5.26 -6.37 15.97
CA ILE A 58 4.29 -5.27 16.01
C ILE A 58 3.99 -4.86 17.46
N ASN A 59 4.06 -3.54 17.75
CA ASN A 59 3.67 -2.95 19.05
C ASN A 59 2.54 -1.99 18.74
N TYR A 60 1.37 -2.19 19.37
CA TYR A 60 0.16 -1.43 19.10
C TYR A 60 -0.47 -1.02 20.42
N ASP A 61 -0.63 0.29 20.62
CA ASP A 61 -1.19 0.83 21.86
C ASP A 61 -2.32 1.82 21.58
N ASP A 62 -3.20 2.01 22.58
CA ASP A 62 -4.31 2.96 22.58
C ASP A 62 -5.11 3.01 21.26
N ASN A 63 -5.48 1.81 20.77
CA ASN A 63 -6.29 1.60 19.56
C ASN A 63 -5.83 2.42 18.34
N GLY A 64 -4.53 2.37 18.06
CA GLY A 64 -3.94 3.08 16.92
C GLY A 64 -3.11 4.31 17.23
N GLY A 65 -3.20 4.81 18.48
CA GLY A 65 -2.44 5.97 18.94
C GLY A 65 -0.94 5.79 18.76
N HIS A 66 -0.48 4.54 18.88
CA HIS A 66 0.93 4.17 18.70
C HIS A 66 0.99 2.86 17.94
N PHE A 67 1.73 2.83 16.82
CA PHE A 67 1.83 1.61 16.03
C PHE A 67 3.24 1.51 15.51
N HIS A 68 3.95 0.46 15.93
CA HIS A 68 5.32 0.30 15.54
C HIS A 68 5.50 -1.04 14.85
N ILE A 69 6.04 -1.02 13.62
CA ILE A 69 6.37 -2.22 12.85
C ILE A 69 7.90 -2.35 12.90
N ARG A 70 8.39 -3.46 13.38
CA ARG A 70 9.83 -3.73 13.42
CA ARG A 70 9.83 -3.71 13.38
C ARG A 70 10.12 -4.94 12.53
N SER A 71 10.98 -4.76 11.51
CA SER A 71 11.32 -5.87 10.61
C SER A 71 12.13 -6.90 11.35
N VAL A 72 11.86 -8.18 11.07
CA VAL A 72 12.61 -9.28 11.66
C VAL A 72 13.61 -9.79 10.63
N ASP A 73 13.14 -10.23 9.46
CA ASP A 73 14.01 -10.67 8.36
C ASP A 73 14.15 -9.46 7.41
N THR A 74 15.19 -8.61 7.66
CA THR A 74 15.41 -7.42 6.81
C THR A 74 15.89 -7.80 5.40
N ASN A 75 16.30 -9.07 5.21
CA ASN A 75 16.74 -9.53 3.91
C ASN A 75 15.61 -10.15 3.07
N ASN A 76 14.36 -10.04 3.57
CA ASN A 76 13.21 -10.53 2.83
C ASN A 76 12.87 -9.45 1.79
N ASP A 77 13.26 -9.68 0.53
CA ASP A 77 13.04 -8.68 -0.53
C ASP A 77 11.57 -8.33 -0.72
N GLU A 78 10.68 -9.32 -0.58
CA GLU A 78 9.24 -9.08 -0.77
C GLU A 78 8.68 -8.17 0.31
N ALA A 79 8.99 -8.46 1.61
CA ALA A 79 8.54 -7.61 2.73
C ALA A 79 9.15 -6.21 2.56
N GLN A 80 10.42 -6.12 2.13
CA GLN A 80 11.08 -4.82 1.92
C GLN A 80 10.39 -4.02 0.81
N LEU A 81 9.99 -4.69 -0.28
CA LEU A 81 9.26 -4.01 -1.35
C LEU A 81 7.90 -3.48 -0.83
N ILE A 82 7.21 -4.27 -0.01
CA ILE A 82 5.94 -3.84 0.57
C ILE A 82 6.14 -2.62 1.48
N LEU A 83 7.22 -2.63 2.29
CA LEU A 83 7.52 -1.48 3.16
C LEU A 83 7.87 -0.23 2.34
N GLN A 84 8.64 -0.38 1.30
CA GLN A 84 8.95 0.74 0.43
C GLN A 84 7.68 1.26 -0.23
N THR A 85 6.80 0.36 -0.65
CA THR A 85 5.50 0.74 -1.25
C THR A 85 4.67 1.56 -0.22
N MET A 86 4.67 1.09 1.04
CA MET A 86 3.97 1.74 2.14
C MET A 86 4.54 3.15 2.30
N LEU A 87 5.87 3.30 2.22
CA LEU A 87 6.53 4.62 2.37
C LEU A 87 6.19 5.55 1.22
N VAL A 88 6.21 5.03 -0.03
CA VAL A 88 5.80 5.84 -1.20
C VAL A 88 4.35 6.31 -1.03
N SER A 89 3.46 5.41 -0.53
N SER A 89 3.46 5.41 -0.53
CA SER A 89 2.05 5.74 -0.31
CA SER A 89 2.05 5.73 -0.30
C SER A 89 1.87 6.82 0.77
C SER A 89 1.87 6.81 0.77
N LEU A 90 2.67 6.75 1.85
CA LEU A 90 2.63 7.74 2.94
C LEU A 90 3.18 9.08 2.45
N GLN A 91 4.25 9.05 1.64
CA GLN A 91 4.84 10.25 1.03
C GLN A 91 3.82 10.92 0.10
N THR A 92 2.98 10.10 -0.61
CA THR A 92 1.91 10.61 -1.48
C THR A 92 0.87 11.38 -0.65
N ILE A 93 0.45 10.83 0.50
CA ILE A 93 -0.48 11.50 1.43
C ILE A 93 0.14 12.81 1.95
N GLU A 94 1.41 12.75 2.38
CA GLU A 94 2.12 13.89 2.96
C GLU A 94 2.28 15.05 1.96
N GLU A 95 2.42 14.69 0.69
CA GLU A 95 2.58 15.65 -0.38
C GLU A 95 1.29 16.44 -0.58
N GLU A 96 0.16 15.81 -0.28
CA GLU A 96 -1.16 16.43 -0.34
C GLU A 96 -1.62 17.04 1.00
N TYR A 97 -1.16 16.51 2.12
CA TYR A 97 -1.54 17.06 3.41
C TYR A 97 -0.35 17.30 4.34
N ASN A 98 0.63 18.08 3.90
CA ASN A 98 1.78 18.37 4.71
C ASN A 98 1.42 19.16 5.95
N ASN A 100 -0.97 17.74 8.54
CA ASN A 100 -1.75 16.57 8.92
C ASN A 100 -0.85 15.37 9.23
N ILE A 101 0.17 15.12 8.39
CA ILE A 101 1.12 14.01 8.52
C ILE A 101 2.56 14.47 8.25
N ARG A 102 3.50 14.03 9.08
CA ARG A 102 4.93 14.36 8.98
C ARG A 102 5.75 13.08 9.00
N LEU A 103 6.57 12.87 7.95
CA LEU A 103 7.46 11.70 7.87
C LEU A 103 8.86 12.13 8.27
N ASN A 104 9.51 11.34 9.13
CA ASN A 104 10.87 11.62 9.63
C ASN A 104 11.76 10.42 9.39
N TYR A 105 12.90 10.64 8.75
CA TYR A 105 13.86 9.57 8.45
C TYR A 105 14.91 9.59 9.54
N LYS A 106 14.90 8.54 10.37
CA LYS A 106 15.72 8.43 11.58
C LYS A 106 17.12 7.86 11.36
N MET B 1 -20.61 5.12 -2.43
CA MET B 1 -19.84 3.88 -2.43
C MET B 1 -18.77 3.83 -3.52
N ILE B 2 -17.57 3.33 -3.16
CA ILE B 2 -16.47 3.17 -4.11
C ILE B 2 -16.56 1.73 -4.63
N THR B 3 -16.41 1.53 -5.96
CA THR B 3 -16.40 0.20 -6.55
C THR B 3 -15.00 -0.05 -7.11
N VAL B 4 -14.47 -1.26 -6.90
CA VAL B 4 -13.16 -1.63 -7.40
C VAL B 4 -13.30 -2.93 -8.19
N ASP B 5 -13.13 -2.87 -9.53
CA ASP B 5 -13.25 -4.04 -10.39
C ASP B 5 -11.87 -4.60 -10.63
N ILE B 6 -11.66 -5.87 -10.30
CA ILE B 6 -10.33 -6.49 -10.37
C ILE B 6 -10.32 -7.65 -11.36
N THR B 7 -9.38 -7.61 -12.33
CA THR B 7 -9.29 -8.64 -13.36
C THR B 7 -7.98 -9.36 -13.20
N VAL B 8 -8.09 -10.68 -12.97
CA VAL B 8 -6.97 -11.59 -12.80
C VAL B 8 -7.04 -12.56 -13.97
N ASN B 9 -5.95 -12.68 -14.74
CA ASN B 9 -5.98 -13.55 -15.91
C ASN B 9 -5.82 -15.03 -15.54
N ASP B 10 -5.85 -15.91 -16.55
CA ASP B 10 -5.72 -17.37 -16.37
C ASP B 10 -4.38 -17.77 -15.77
N GLU B 11 -3.35 -16.91 -15.91
CA GLU B 11 -2.01 -17.16 -15.35
C GLU B 11 -1.86 -16.60 -13.92
N GLY B 12 -2.96 -16.07 -13.38
CA GLY B 12 -3.01 -15.54 -12.01
C GLY B 12 -2.41 -14.16 -11.84
N LYS B 13 -2.26 -13.42 -12.96
CA LYS B 13 -1.70 -12.07 -12.95
C LYS B 13 -2.81 -11.02 -12.92
N VAL B 14 -2.61 -9.96 -12.13
CA VAL B 14 -3.58 -8.85 -12.04
C VAL B 14 -3.35 -8.03 -13.32
N THR B 15 -4.35 -8.00 -14.21
CA THR B 15 -4.22 -7.27 -15.49
C THR B 15 -4.88 -5.91 -15.44
N ASP B 16 -5.97 -5.79 -14.66
CA ASP B 16 -6.71 -4.53 -14.60
C ASP B 16 -7.28 -4.30 -13.25
N VAL B 17 -7.34 -3.05 -12.83
CA VAL B 17 -8.01 -2.64 -11.61
C VAL B 17 -8.70 -1.34 -12.01
N ILE B 18 -10.02 -1.24 -11.77
CA ILE B 18 -10.72 0.01 -12.07
C ILE B 18 -11.42 0.48 -10.82
N MET B 19 -11.10 1.70 -10.35
CA MET B 19 -11.77 2.27 -9.17
C MET B 19 -12.69 3.39 -9.63
N ASP B 20 -13.92 3.40 -9.11
CA ASP B 20 -14.86 4.46 -9.42
C ASP B 20 -15.66 4.83 -8.18
N GLY B 21 -16.05 6.10 -8.08
CA GLY B 21 -16.80 6.62 -6.94
C GLY B 21 -15.95 7.34 -5.91
N HIS B 22 -14.61 7.29 -6.08
CA HIS B 22 -13.66 7.93 -5.16
C HIS B 22 -13.66 9.46 -5.28
N ALA B 35 -11.02 8.28 1.75
CA ALA B 35 -9.65 8.74 1.94
C ALA B 35 -8.66 7.56 1.93
N GLY B 36 -9.02 6.49 2.65
CA GLY B 36 -8.21 5.27 2.72
C GLY B 36 -8.03 4.60 1.38
N ALA B 37 -9.14 4.30 0.68
CA ALA B 37 -9.15 3.64 -0.63
C ALA B 37 -8.32 4.40 -1.65
N SER B 38 -8.50 5.74 -1.73
CA SER B 38 -7.77 6.60 -2.67
C SER B 38 -6.28 6.61 -2.41
N ALA B 39 -5.88 6.74 -1.13
CA ALA B 39 -4.46 6.75 -0.73
C ALA B 39 -3.78 5.45 -1.11
N VAL B 40 -4.46 4.32 -0.89
CA VAL B 40 -3.93 2.98 -1.21
C VAL B 40 -3.75 2.84 -2.73
N LEU B 41 -4.75 3.23 -3.50
CA LEU B 41 -4.65 3.10 -4.94
C LEU B 41 -3.59 4.02 -5.55
N PHE B 42 -3.69 5.33 -5.30
CA PHE B 42 -2.73 6.26 -5.88
C PHE B 42 -1.30 6.00 -5.40
N GLY B 43 -1.15 5.64 -4.12
CA GLY B 43 0.14 5.33 -3.54
C GLY B 43 0.74 4.11 -4.21
N SER B 44 -0.10 3.08 -4.48
CA SER B 44 0.38 1.85 -5.14
C SER B 44 0.83 2.12 -6.57
N VAL B 45 0.09 2.97 -7.32
CA VAL B 45 0.50 3.35 -8.69
C VAL B 45 1.87 4.05 -8.63
N ASN B 46 2.04 5.02 -7.70
CA ASN B 46 3.30 5.72 -7.54
C ASN B 46 4.44 4.76 -7.18
N ALA B 47 4.14 3.72 -6.38
CA ALA B 47 5.14 2.71 -5.99
C ALA B 47 5.54 1.84 -7.19
N ILE B 48 4.58 1.44 -8.03
CA ILE B 48 4.92 0.63 -9.21
C ILE B 48 5.90 1.44 -10.10
N ILE B 49 5.55 2.70 -10.37
CA ILE B 49 6.35 3.60 -11.22
C ILE B 49 7.72 3.92 -10.61
N GLY B 50 7.75 4.20 -9.31
CA GLY B 50 8.98 4.57 -8.62
C GLY B 50 9.90 3.45 -8.22
N LEU B 51 9.36 2.24 -7.96
CA LEU B 51 10.15 1.11 -7.46
C LEU B 51 10.42 -0.02 -8.43
N THR B 52 9.71 -0.06 -9.57
CA THR B 52 9.83 -1.13 -10.57
C THR B 52 10.05 -0.55 -11.96
N SER B 53 10.31 -1.45 -12.95
CA SER B 53 10.47 -1.07 -14.36
C SER B 53 9.11 -1.07 -15.09
N GLU B 54 8.04 -1.51 -14.40
CA GLU B 54 6.71 -1.55 -15.01
C GLU B 54 6.10 -0.15 -15.15
N ARG B 55 5.51 0.13 -16.32
CA ARG B 55 4.83 1.40 -16.58
C ARG B 55 3.41 1.07 -17.01
N PRO B 56 2.49 0.97 -16.04
CA PRO B 56 1.11 0.59 -16.40
C PRO B 56 0.43 1.62 -17.27
N ASP B 57 -0.58 1.17 -18.02
CA ASP B 57 -1.38 2.03 -18.88
C ASP B 57 -2.51 2.56 -18.00
N ILE B 58 -2.48 3.87 -17.69
CA ILE B 58 -3.43 4.50 -16.78
C ILE B 58 -4.42 5.34 -17.57
N ASN B 59 -5.72 5.14 -17.33
CA ASN B 59 -6.77 5.93 -17.95
C ASN B 59 -7.78 6.33 -16.89
N TYR B 60 -8.43 7.49 -17.08
CA TYR B 60 -9.47 7.99 -16.18
C TYR B 60 -10.30 9.00 -16.95
N ASP B 61 -11.54 9.24 -16.51
CA ASP B 61 -12.38 10.22 -17.20
C ASP B 61 -11.95 11.63 -16.84
N ASP B 62 -12.57 12.66 -17.47
CA ASP B 62 -12.24 14.07 -17.23
C ASP B 62 -12.43 14.51 -15.76
N ASN B 63 -13.32 13.84 -15.02
CA ASN B 63 -13.60 14.15 -13.61
C ASN B 63 -12.71 13.35 -12.65
N GLY B 64 -11.80 12.55 -13.21
CA GLY B 64 -10.90 11.71 -12.44
C GLY B 64 -11.50 10.37 -12.06
N GLY B 65 -12.74 10.12 -12.51
CA GLY B 65 -13.46 8.88 -12.27
C GLY B 65 -13.00 7.73 -13.15
N HIS B 66 -13.52 6.51 -12.91
CA HIS B 66 -13.16 5.31 -13.68
C HIS B 66 -11.65 5.17 -13.87
N PHE B 67 -10.91 5.26 -12.75
CA PHE B 67 -9.45 5.18 -12.73
C PHE B 67 -9.01 3.75 -13.00
N HIS B 68 -8.48 3.54 -14.20
CA HIS B 68 -8.13 2.24 -14.72
C HIS B 68 -6.65 2.05 -14.84
N ILE B 69 -6.13 1.07 -14.10
CA ILE B 69 -4.74 0.63 -14.16
C ILE B 69 -4.74 -0.63 -15.03
N ARG B 70 -4.03 -0.60 -16.14
CA ARG B 70 -3.88 -1.78 -16.98
C ARG B 70 -2.41 -2.20 -16.94
N SER B 71 -2.14 -3.44 -16.50
CA SER B 71 -0.76 -3.94 -16.45
C SER B 71 -0.22 -4.10 -17.86
N VAL B 72 1.05 -3.73 -18.04
CA VAL B 72 1.71 -3.88 -19.34
C VAL B 72 2.59 -5.13 -19.29
N ASP B 73 3.53 -5.17 -18.35
CA ASP B 73 4.38 -6.34 -18.15
C ASP B 73 3.79 -7.14 -17.00
N THR B 74 2.88 -8.09 -17.31
CA THR B 74 2.22 -8.94 -16.30
C THR B 74 3.21 -9.92 -15.65
N ASN B 75 4.40 -10.08 -16.24
CA ASN B 75 5.41 -10.98 -15.70
C ASN B 75 6.42 -10.25 -14.81
N ASN B 76 6.14 -8.97 -14.50
CA ASN B 76 6.98 -8.21 -13.58
C ASN B 76 6.54 -8.59 -12.17
N ASP B 77 7.32 -9.46 -11.51
CA ASP B 77 6.97 -9.96 -10.17
C ASP B 77 6.84 -8.86 -9.13
N GLU B 78 7.66 -7.81 -9.24
CA GLU B 78 7.63 -6.70 -8.27
C GLU B 78 6.33 -5.90 -8.42
N ALA B 79 5.95 -5.52 -9.67
CA ALA B 79 4.70 -4.79 -9.91
C ALA B 79 3.51 -5.66 -9.48
N GLN B 80 3.58 -6.99 -9.76
CA GLN B 80 2.50 -7.91 -9.36
C GLN B 80 2.37 -7.98 -7.84
N LEU B 81 3.50 -8.00 -7.11
CA LEU B 81 3.47 -8.00 -5.65
C LEU B 81 2.82 -6.70 -5.14
N ILE B 82 3.16 -5.56 -5.75
CA ILE B 82 2.57 -4.27 -5.35
C ILE B 82 1.05 -4.29 -5.59
N LEU B 83 0.61 -4.84 -6.73
CA LEU B 83 -0.82 -4.93 -7.02
C LEU B 83 -1.53 -5.85 -6.02
N GLN B 84 -0.93 -6.97 -5.68
CA GLN B 84 -1.49 -7.86 -4.70
C GLN B 84 -1.54 -7.20 -3.33
N THR B 85 -0.53 -6.43 -3.00
CA THR B 85 -0.48 -5.67 -1.74
C THR B 85 -1.63 -4.66 -1.71
N MET B 86 -1.81 -3.92 -2.82
CA MET B 86 -2.90 -2.95 -2.97
C MET B 86 -4.24 -3.66 -2.74
N LEU B 87 -4.42 -4.86 -3.31
CA LEU B 87 -5.67 -5.63 -3.16
C LEU B 87 -5.90 -6.08 -1.73
N VAL B 88 -4.84 -6.59 -1.05
CA VAL B 88 -4.95 -6.97 0.36
C VAL B 88 -5.33 -5.73 1.20
N SER B 89 -4.71 -4.56 0.89
CA SER B 89 -5.01 -3.32 1.61
CA SER B 89 -5.00 -3.31 1.61
C SER B 89 -6.46 -2.87 1.40
N LEU B 90 -6.98 -3.00 0.17
CA LEU B 90 -8.37 -2.65 -0.15
C LEU B 90 -9.35 -3.61 0.52
N GLN B 91 -9.00 -4.91 0.54
CA GLN B 91 -9.79 -5.95 1.24
C GLN B 91 -9.85 -5.64 2.74
N THR B 92 -8.74 -5.10 3.32
CA THR B 92 -8.68 -4.72 4.74
C THR B 92 -9.70 -3.60 5.01
N ILE B 93 -9.76 -2.58 4.12
CA ILE B 93 -10.73 -1.47 4.23
C ILE B 93 -12.17 -2.02 4.11
N GLU B 94 -12.43 -2.86 3.07
CA GLU B 94 -13.74 -3.47 2.81
C GLU B 94 -14.26 -4.25 4.02
N GLU B 95 -13.38 -5.05 4.67
CA GLU B 95 -13.71 -5.87 5.84
C GLU B 95 -14.28 -5.01 6.99
N GLU B 96 -13.80 -3.75 7.12
CA GLU B 96 -14.25 -2.81 8.15
C GLU B 96 -15.42 -1.94 7.67
N TYR B 97 -15.40 -1.50 6.39
CA TYR B 97 -16.45 -0.64 5.82
C TYR B 97 -17.11 -1.26 4.57
N ASN B 98 -17.87 -2.34 4.79
CA ASN B 98 -18.59 -3.06 3.73
C ASN B 98 -19.89 -2.37 3.36
N ASN B 100 -19.55 1.10 2.00
CA ASN B 100 -18.65 2.19 1.62
C ASN B 100 -17.78 1.81 0.42
N ILE B 101 -17.26 0.58 0.39
CA ILE B 101 -16.40 0.06 -0.68
C ILE B 101 -16.77 -1.39 -1.04
N ARG B 102 -16.86 -1.69 -2.34
CA ARG B 102 -17.18 -3.02 -2.84
C ARG B 102 -16.14 -3.47 -3.86
N LEU B 103 -15.51 -4.59 -3.61
CA LEU B 103 -14.53 -5.18 -4.51
C LEU B 103 -15.23 -6.23 -5.36
N ASN B 104 -15.07 -6.12 -6.65
CA ASN B 104 -15.69 -7.03 -7.59
C ASN B 104 -14.61 -7.74 -8.41
N TYR B 105 -14.55 -9.06 -8.30
CA TYR B 105 -13.57 -9.87 -9.02
C TYR B 105 -14.17 -10.33 -10.33
N LYS B 106 -13.61 -9.83 -11.41
CA LYS B 106 -14.08 -10.05 -12.78
C LYS B 106 -13.72 -11.43 -13.32
#